data_6ZP3
#
_entry.id   6ZP3
#
_cell.length_a   141.849
_cell.length_b   102.186
_cell.length_c   58.572
_cell.angle_alpha   90.000
_cell.angle_beta   112.940
_cell.angle_gamma   90.000
#
_symmetry.space_group_name_H-M   'C 1 2 1'
#
loop_
_entity.id
_entity.type
_entity.pdbx_description
1 polymer 'Thioredoxin glutathione reductase'
2 non-polymer 'FLAVIN-ADENINE DINUCLEOTIDE'
3 non-polymer 'POTASSIUM ION'
4 non-polymer 'TETRAETHYLENE GLYCOL'
5 non-polymer 'DIMETHYL SULFOXIDE'
6 non-polymer '2-(2-methyl-1~{H}-indol-3-yl)ethanoic acid'
7 non-polymer 'CALCIUM ION'
8 non-polymer DI(HYDROXYETHYL)ETHER
9 non-polymer 2,3-DIHYDROXY-1,4-DITHIOBUTANE
10 non-polymer 'TRIETHYLENE GLYCOL'
11 water water
#
_entity_poly.entity_id   1
_entity_poly.type   'polypeptide(L)'
_entity_poly.pdbx_seq_one_letter_code
;MPPADGTSQWLRKTVDSAAVILFSKTTCPYCKKVKDVLAEAKIKHATIELDQLSNGSAIQKCLASFSKIETVPQMFVRGK
FIGDSQTVLKYYSNDELAGIVNESKYDYDLIVIGGGSGGLAAGKEAAKYGAKTAVLDYVEPTPIGTTWGLGGTCVNVGCI
PKKLMHQAGLLSHALEDAEHFGWSLDRSKISHNWSTMVEGVQSHIGSLNWGYKVALRDNQVTYLNAKGRLISPHEVQITD
KNQKVSTITGNKIILATGERPKYPEIPGAVEYGITSDDLFSLPYFPGKTLVIGASYVALECAGFLASLGGDVTVMVRSIL
LRGFDQQMAEKVGDYMENHGVKFAKLCVPDEIKQLKVVDTENNKPGLLLVKGHYTDGKKFEEEFETVIFAVGREPQLSKV
LCETVGVKLDKNGRVVCTDDEQTTVSNVYAIGDINAGKPQLTPVAIQAGRYLARRLFAGATELTDYSNVATTVFTPLEYG
ACGLSEEDAIEKYGDKDIEVYHSNFKPLEWTVAHREDNVCYMKLVCRKSDNMRVLGLHVLGPNAGEITQGYAVAIKMGAT
KADFDRTIGIHPTCSETFTTLHVTKKSGVSPIVSGCUG
;
_entity_poly.pdbx_strand_id   A
#
# COMPACT_ATOMS: atom_id res chain seq x y z
N GLY A 6 -18.80 6.54 -27.20
CA GLY A 6 -17.62 6.50 -26.34
C GLY A 6 -16.33 6.86 -27.04
N THR A 7 -16.20 6.45 -28.30
CA THR A 7 -14.93 6.58 -29.01
C THR A 7 -14.45 8.03 -29.07
N SER A 8 -15.34 8.97 -29.42
CA SER A 8 -14.90 10.35 -29.62
C SER A 8 -14.52 11.04 -28.31
N GLN A 9 -15.31 10.80 -27.25
CA GLN A 9 -14.94 11.36 -25.96
C GLN A 9 -13.60 10.80 -25.49
N TRP A 10 -13.40 9.49 -25.68
CA TRP A 10 -12.12 8.87 -25.31
C TRP A 10 -10.98 9.48 -26.12
N LEU A 11 -11.18 9.62 -27.42
CA LEU A 11 -10.11 10.16 -28.27
C LEU A 11 -9.79 11.59 -27.88
N ARG A 12 -10.82 12.41 -27.64
N ARG A 12 -10.82 12.42 -27.66
CA ARG A 12 -10.59 13.80 -27.22
CA ARG A 12 -10.61 13.79 -27.22
C ARG A 12 -9.73 13.87 -25.96
C ARG A 12 -9.70 13.83 -25.99
N LYS A 13 -10.02 13.04 -24.96
CA LYS A 13 -9.26 13.10 -23.72
C LYS A 13 -7.87 12.54 -23.91
N THR A 14 -7.72 11.48 -24.72
CA THR A 14 -6.41 10.89 -24.97
C THR A 14 -5.49 11.89 -25.67
N VAL A 15 -5.98 12.51 -26.75
CA VAL A 15 -5.15 13.47 -27.49
C VAL A 15 -4.81 14.67 -26.61
N ASP A 16 -5.78 15.15 -25.81
CA ASP A 16 -5.55 16.31 -24.96
C ASP A 16 -4.47 16.03 -23.92
N SER A 17 -4.46 14.82 -23.37
CA SER A 17 -3.70 14.50 -22.17
C SER A 17 -2.32 13.91 -22.48
N ALA A 18 -2.19 13.12 -23.54
CA ALA A 18 -0.91 12.46 -23.79
C ALA A 18 0.20 13.49 -24.05
N ALA A 19 1.38 13.19 -23.52
CA ALA A 19 2.54 14.06 -23.75
C ALA A 19 3.09 13.90 -25.15
N VAL A 20 3.35 12.64 -25.53
CA VAL A 20 3.81 12.28 -26.87
C VAL A 20 3.14 10.96 -27.20
N ILE A 21 2.33 10.94 -28.26
CA ILE A 21 1.59 9.72 -28.59
C ILE A 21 1.58 9.53 -30.10
N LEU A 22 1.71 8.27 -30.50
CA LEU A 22 1.78 7.85 -31.88
C LEU A 22 0.62 6.90 -32.16
N PHE A 23 -0.25 7.28 -33.09
CA PHE A 23 -1.30 6.37 -33.56
C PHE A 23 -0.73 5.62 -34.76
N SER A 24 -0.81 4.30 -34.70
CA SER A 24 -0.02 3.44 -35.56
C SER A 24 -0.82 2.19 -35.90
N LYS A 25 -0.23 1.34 -36.73
CA LYS A 25 -0.69 -0.02 -36.96
C LYS A 25 0.50 -0.96 -36.93
N THR A 26 0.25 -2.20 -36.51
CA THR A 26 1.27 -3.24 -36.55
C THR A 26 1.97 -3.27 -37.90
N THR A 27 1.18 -3.19 -38.98
CA THR A 27 1.59 -3.63 -40.31
C THR A 27 2.13 -2.48 -41.17
N CYS A 28 2.48 -1.34 -40.58
CA CYS A 28 2.66 -0.09 -41.33
C CYS A 28 4.11 0.32 -41.40
N PRO A 29 4.74 0.16 -42.58
CA PRO A 29 6.17 0.52 -42.69
C PRO A 29 6.45 1.97 -42.34
N TYR A 30 5.55 2.89 -42.68
CA TYR A 30 5.75 4.29 -42.31
C TYR A 30 5.67 4.47 -40.80
N CYS A 31 4.82 3.68 -40.14
CA CYS A 31 4.78 3.71 -38.68
C CYS A 31 6.11 3.29 -38.07
N LYS A 32 6.70 2.18 -38.57
CA LYS A 32 7.99 1.76 -38.08
C LYS A 32 9.07 2.80 -38.38
N LYS A 33 8.97 3.47 -39.53
CA LYS A 33 9.90 4.54 -39.83
C LYS A 33 9.91 5.59 -38.72
N VAL A 34 8.72 6.05 -38.32
CA VAL A 34 8.62 7.06 -37.28
C VAL A 34 9.10 6.49 -35.94
N LYS A 35 8.65 5.28 -35.61
CA LYS A 35 9.09 4.66 -34.37
C LYS A 35 10.62 4.63 -34.27
N ASP A 36 11.29 4.30 -35.38
CA ASP A 36 12.74 4.21 -35.35
C ASP A 36 13.39 5.58 -35.23
N VAL A 37 12.86 6.57 -35.94
CA VAL A 37 13.39 7.92 -35.80
C VAL A 37 13.25 8.38 -34.35
N LEU A 38 12.09 8.11 -33.74
CA LEU A 38 11.88 8.51 -32.35
C LEU A 38 12.82 7.75 -31.42
N ALA A 39 12.89 6.42 -31.55
CA ALA A 39 13.84 5.64 -30.77
C ALA A 39 15.26 6.15 -30.97
N GLU A 40 15.65 6.38 -32.22
CA GLU A 40 16.97 6.94 -32.50
C GLU A 40 17.17 8.26 -31.77
N ALA A 41 16.16 9.12 -31.79
CA ALA A 41 16.27 10.43 -31.15
C ALA A 41 16.05 10.35 -29.65
N LYS A 42 15.92 9.16 -29.09
CA LYS A 42 15.71 8.98 -27.64
C LYS A 42 14.47 9.73 -27.17
N ILE A 43 13.41 9.66 -27.97
CA ILE A 43 12.12 10.29 -27.68
C ILE A 43 11.15 9.18 -27.27
N LYS A 44 10.77 9.17 -25.99
CA LYS A 44 9.82 8.19 -25.47
C LYS A 44 8.41 8.65 -25.82
N HIS A 45 7.50 7.68 -25.98
CA HIS A 45 6.14 8.01 -26.37
C HIS A 45 5.23 6.82 -26.11
N ALA A 46 3.94 7.11 -26.04
CA ALA A 46 2.90 6.11 -26.12
C ALA A 46 2.65 5.74 -27.58
N THR A 47 2.09 4.54 -27.78
CA THR A 47 1.72 4.04 -29.10
C THR A 47 0.37 3.35 -28.97
N ILE A 48 -0.54 3.66 -29.87
CA ILE A 48 -1.82 2.96 -29.97
C ILE A 48 -1.88 2.32 -31.35
N GLU A 49 -1.85 0.98 -31.39
CA GLU A 49 -1.96 0.21 -32.63
C GLU A 49 -3.44 0.02 -32.95
N LEU A 50 -3.94 0.78 -33.93
CA LEU A 50 -5.37 0.78 -34.20
C LEU A 50 -5.88 -0.58 -34.66
N ASP A 51 -5.03 -1.39 -35.29
CA ASP A 51 -5.46 -2.68 -35.81
C ASP A 51 -5.64 -3.72 -34.71
N GLN A 52 -5.29 -3.39 -33.47
CA GLN A 52 -5.50 -4.30 -32.35
C GLN A 52 -6.69 -3.91 -31.50
N LEU A 53 -7.56 -3.05 -32.03
CA LEU A 53 -8.70 -2.53 -31.27
C LEU A 53 -10.00 -2.80 -32.02
N SER A 54 -11.01 -3.25 -31.27
CA SER A 54 -12.35 -3.42 -31.81
C SER A 54 -12.74 -2.23 -32.70
N ASN A 55 -12.73 -1.04 -32.10
CA ASN A 55 -13.16 0.19 -32.73
C ASN A 55 -12.03 0.91 -33.45
N GLY A 56 -10.94 0.21 -33.79
CA GLY A 56 -9.85 0.89 -34.50
C GLY A 56 -10.33 1.61 -35.73
N SER A 57 -11.19 0.96 -36.51
CA SER A 57 -11.80 1.56 -37.70
C SER A 57 -12.40 2.94 -37.39
N ALA A 58 -13.26 2.97 -36.39
CA ALA A 58 -13.93 4.21 -36.00
C ALA A 58 -12.92 5.23 -35.50
N ILE A 59 -11.94 4.76 -34.71
CA ILE A 59 -10.95 5.68 -34.15
C ILE A 59 -10.19 6.38 -35.27
N GLN A 60 -9.70 5.58 -36.22
CA GLN A 60 -8.90 6.14 -37.31
C GLN A 60 -9.64 7.26 -38.01
N LYS A 61 -10.96 7.13 -38.17
CA LYS A 61 -11.72 8.20 -38.83
C LYS A 61 -11.94 9.39 -37.90
N CYS A 62 -12.22 9.16 -36.62
CA CYS A 62 -12.39 10.29 -35.72
CA CYS A 62 -12.39 10.29 -35.71
C CYS A 62 -11.11 11.11 -35.61
N LEU A 63 -9.95 10.48 -35.82
CA LEU A 63 -8.69 11.21 -35.75
C LEU A 63 -8.69 12.41 -36.69
N ALA A 64 -9.41 12.31 -37.81
CA ALA A 64 -9.43 13.42 -38.75
C ALA A 64 -10.03 14.68 -38.13
N SER A 65 -10.87 14.51 -37.11
CA SER A 65 -11.36 15.66 -36.36
C SER A 65 -10.25 16.38 -35.62
N PHE A 66 -9.10 15.75 -35.44
CA PHE A 66 -7.93 16.36 -34.81
C PHE A 66 -6.82 16.67 -35.81
N SER A 67 -6.65 15.81 -36.79
CA SER A 67 -5.51 15.86 -37.71
C SER A 67 -5.87 16.34 -39.10
N LYS A 68 -7.15 16.23 -39.47
CA LYS A 68 -7.63 16.39 -40.84
C LYS A 68 -7.17 15.26 -41.75
N ILE A 69 -6.53 14.21 -41.22
CA ILE A 69 -6.21 13.02 -42.00
C ILE A 69 -6.71 11.79 -41.28
N GLU A 70 -6.87 10.71 -42.04
CA GLU A 70 -7.34 9.42 -41.52
C GLU A 70 -6.31 8.31 -41.70
N THR A 71 -5.09 8.66 -42.10
CA THR A 71 -3.98 7.75 -42.30
C THR A 71 -3.23 7.51 -40.99
N VAL A 72 -2.41 6.45 -40.97
CA VAL A 72 -1.42 6.22 -39.91
C VAL A 72 -0.06 6.26 -40.60
N PRO A 73 1.02 6.70 -39.93
CA PRO A 73 1.05 7.13 -38.53
C PRO A 73 0.60 8.58 -38.33
N GLN A 74 0.17 8.91 -37.13
CA GLN A 74 -0.16 10.28 -36.73
C GLN A 74 0.48 10.50 -35.37
N MET A 75 1.29 11.55 -35.25
CA MET A 75 1.91 11.84 -33.95
C MET A 75 1.39 13.17 -33.39
N PHE A 76 1.10 13.14 -32.09
CA PHE A 76 0.59 14.27 -31.33
C PHE A 76 1.55 14.57 -30.19
N VAL A 77 1.69 15.84 -29.86
CA VAL A 77 2.44 16.28 -28.70
C VAL A 77 1.56 17.25 -27.94
N ARG A 78 1.21 16.88 -26.71
CA ARG A 78 0.52 17.79 -25.78
C ARG A 78 -0.68 18.44 -26.46
N GLY A 79 -1.49 17.60 -27.10
CA GLY A 79 -2.78 18.01 -27.63
C GLY A 79 -2.76 18.55 -29.03
N LYS A 80 -1.58 18.64 -29.64
CA LYS A 80 -1.38 19.23 -30.95
C LYS A 80 -0.96 18.14 -31.92
N PHE A 81 -1.67 18.00 -33.03
CA PHE A 81 -1.20 17.15 -34.09
C PHE A 81 0.11 17.70 -34.64
N ILE A 82 1.12 16.84 -34.73
CA ILE A 82 2.45 17.25 -35.13
C ILE A 82 2.77 16.83 -36.56
N GLY A 83 2.31 15.67 -37.00
CA GLY A 83 2.48 15.30 -38.39
C GLY A 83 2.35 13.83 -38.65
N ASP A 84 2.31 13.51 -39.95
CA ASP A 84 2.46 12.16 -40.48
C ASP A 84 3.94 11.82 -40.56
N SER A 85 4.28 10.71 -41.23
CA SER A 85 5.67 10.28 -41.31
C SER A 85 6.54 11.36 -41.92
N GLN A 86 6.10 11.94 -43.05
CA GLN A 86 6.97 12.89 -43.74
C GLN A 86 7.27 14.11 -42.87
N THR A 87 6.25 14.58 -42.12
CA THR A 87 6.44 15.78 -41.32
C THR A 87 7.40 15.51 -40.16
N VAL A 88 7.27 14.33 -39.53
CA VAL A 88 8.18 13.99 -38.44
C VAL A 88 9.62 13.94 -38.93
N LEU A 89 9.84 13.32 -40.10
CA LEU A 89 11.19 13.27 -40.65
C LEU A 89 11.69 14.65 -41.07
N LYS A 90 10.80 15.51 -41.56
CA LYS A 90 11.15 16.90 -41.79
C LYS A 90 11.74 17.51 -40.51
N TYR A 91 10.99 17.44 -39.41
CA TYR A 91 11.48 17.99 -38.15
C TYR A 91 12.80 17.35 -37.74
N TYR A 92 12.89 16.03 -37.86
CA TYR A 92 14.13 15.33 -37.52
C TYR A 92 15.28 15.87 -38.36
N SER A 93 15.12 15.82 -39.68
CA SER A 93 16.19 16.23 -40.58
C SER A 93 16.68 17.63 -40.25
N ASN A 94 15.77 18.51 -39.84
CA ASN A 94 16.10 19.90 -39.56
C ASN A 94 16.51 20.11 -38.10
N ASP A 95 16.68 19.02 -37.34
CA ASP A 95 16.99 19.10 -35.91
C ASP A 95 16.04 20.04 -35.19
N GLU A 96 14.76 19.99 -35.59
CA GLU A 96 13.69 20.70 -34.91
C GLU A 96 12.88 19.80 -34.00
N LEU A 97 13.09 18.48 -34.10
CA LEU A 97 12.18 17.53 -33.45
C LEU A 97 12.30 17.62 -31.93
N ALA A 98 13.52 17.71 -31.41
CA ALA A 98 13.71 17.82 -29.96
C ALA A 98 12.92 18.97 -29.38
N GLY A 99 13.01 20.14 -30.02
CA GLY A 99 12.31 21.31 -29.52
C GLY A 99 10.80 21.17 -29.60
N ILE A 100 10.31 20.47 -30.62
CA ILE A 100 8.87 20.24 -30.73
C ILE A 100 8.40 19.36 -29.59
N VAL A 101 9.04 18.20 -29.39
CA VAL A 101 8.58 17.30 -28.34
C VAL A 101 8.81 17.86 -26.94
N ASN A 102 9.62 18.91 -26.80
CA ASN A 102 9.87 19.51 -25.49
C ASN A 102 9.15 20.83 -25.29
N GLU A 103 8.30 21.24 -26.22
CA GLU A 103 7.56 22.49 -26.08
C GLU A 103 6.34 22.26 -25.21
N SER A 104 6.17 23.09 -24.18
CA SER A 104 5.01 23.00 -23.32
C SER A 104 4.81 24.32 -22.60
N LYS A 105 3.57 24.58 -22.19
CA LYS A 105 3.31 25.72 -21.32
C LYS A 105 3.85 25.51 -19.91
N TYR A 106 4.13 24.26 -19.54
CA TYR A 106 4.49 23.90 -18.17
C TYR A 106 5.88 23.29 -18.11
N ASP A 107 6.50 23.36 -16.92
CA ASP A 107 7.83 22.79 -16.79
C ASP A 107 7.79 21.28 -16.96
N TYR A 108 6.70 20.66 -16.51
CA TYR A 108 6.55 19.22 -16.47
C TYR A 108 5.17 18.82 -16.96
N ASP A 109 5.11 17.66 -17.61
CA ASP A 109 3.81 17.04 -17.90
C ASP A 109 3.15 16.51 -16.64
N LEU A 110 3.94 16.02 -15.71
CA LEU A 110 3.44 15.46 -14.46
C LEU A 110 4.34 15.92 -13.33
N ILE A 111 3.76 16.47 -12.27
CA ILE A 111 4.42 16.59 -10.99
C ILE A 111 3.68 15.67 -10.02
N VAL A 112 4.44 14.76 -9.39
CA VAL A 112 3.97 13.90 -8.31
C VAL A 112 4.44 14.53 -7.01
N ILE A 113 3.51 14.85 -6.13
CA ILE A 113 3.83 15.33 -4.79
C ILE A 113 3.74 14.11 -3.88
N GLY A 114 4.92 13.60 -3.50
CA GLY A 114 5.04 12.47 -2.62
C GLY A 114 5.74 11.29 -3.30
N GLY A 115 6.89 10.90 -2.74
CA GLY A 115 7.70 9.81 -3.26
C GLY A 115 7.58 8.47 -2.54
N GLY A 116 6.34 8.01 -2.35
CA GLY A 116 6.05 6.75 -1.74
C GLY A 116 5.54 5.72 -2.73
N SER A 117 4.81 4.76 -2.21
CA SER A 117 4.39 3.61 -3.01
C SER A 117 3.65 4.07 -4.25
N GLY A 118 2.67 4.94 -4.06
CA GLY A 118 1.84 5.36 -5.20
C GLY A 118 2.61 6.30 -6.11
N GLY A 119 3.28 7.29 -5.52
CA GLY A 119 3.86 8.36 -6.33
C GLY A 119 5.02 7.90 -7.18
N LEU A 120 5.88 7.06 -6.63
CA LEU A 120 6.98 6.51 -7.42
C LEU A 120 6.46 5.64 -8.55
N ALA A 121 5.42 4.84 -8.27
CA ALA A 121 4.85 3.98 -9.31
C ALA A 121 4.25 4.80 -10.43
N ALA A 122 3.51 5.86 -10.08
CA ALA A 122 2.92 6.72 -11.10
C ALA A 122 3.96 7.47 -11.89
N GLY A 123 4.97 8.01 -11.20
CA GLY A 123 5.98 8.80 -11.90
C GLY A 123 6.80 7.97 -12.88
N LYS A 124 7.24 6.78 -12.47
CA LYS A 124 7.99 5.93 -13.37
C LYS A 124 7.13 5.51 -14.57
N GLU A 125 5.88 5.14 -14.32
CA GLU A 125 5.05 4.67 -15.43
C GLU A 125 4.80 5.82 -16.40
N ALA A 126 4.51 7.02 -15.88
CA ALA A 126 4.27 8.16 -16.78
C ALA A 126 5.48 8.45 -17.65
N ALA A 127 6.67 8.43 -17.05
CA ALA A 127 7.87 8.77 -17.79
C ALA A 127 8.07 7.85 -18.98
N LYS A 128 7.61 6.61 -18.86
CA LYS A 128 7.75 5.65 -19.95
C LYS A 128 7.13 6.13 -21.24
N TYR A 129 6.04 6.91 -21.14
CA TYR A 129 5.30 7.40 -22.31
C TYR A 129 5.68 8.82 -22.70
N GLY A 130 6.84 9.29 -22.26
CA GLY A 130 7.33 10.58 -22.66
C GLY A 130 6.83 11.72 -21.82
N ALA A 131 6.08 11.46 -20.75
CA ALA A 131 5.68 12.53 -19.86
C ALA A 131 6.90 13.03 -19.11
N LYS A 132 7.24 14.31 -19.29
CA LYS A 132 8.34 14.88 -18.51
C LYS A 132 7.86 15.00 -17.07
N THR A 133 8.52 14.29 -16.16
CA THR A 133 7.98 14.04 -14.83
C THR A 133 8.95 14.50 -13.75
N ALA A 134 8.39 15.11 -12.72
CA ALA A 134 9.10 15.42 -11.48
C ALA A 134 8.43 14.70 -10.31
N VAL A 135 9.22 14.08 -9.46
CA VAL A 135 8.71 13.48 -8.23
C VAL A 135 9.31 14.29 -7.09
N LEU A 136 8.45 14.87 -6.24
CA LEU A 136 8.84 15.55 -5.02
C LEU A 136 8.69 14.61 -3.82
N ASP A 137 9.71 14.52 -2.98
CA ASP A 137 9.52 13.83 -1.72
C ASP A 137 10.24 14.55 -0.59
N TYR A 138 9.58 14.63 0.56
CA TYR A 138 10.16 15.21 1.76
C TYR A 138 9.59 14.42 2.94
N VAL A 139 10.45 14.09 3.89
CA VAL A 139 10.06 13.33 5.07
C VAL A 139 10.16 14.27 6.26
N GLU A 140 9.02 14.77 6.72
CA GLU A 140 9.04 15.64 7.89
C GLU A 140 9.47 14.82 9.10
N PRO A 141 10.46 15.27 9.87
CA PRO A 141 10.95 14.45 10.98
C PRO A 141 9.88 14.20 12.05
N THR A 142 9.98 13.04 12.69
CA THR A 142 9.12 12.74 13.83
C THR A 142 9.52 13.64 14.99
N PRO A 143 8.72 13.67 16.07
CA PRO A 143 9.05 14.55 17.21
C PRO A 143 10.43 14.34 17.79
N ILE A 144 10.94 13.10 17.81
CA ILE A 144 12.30 12.87 18.31
C ILE A 144 13.36 13.01 17.22
N GLY A 145 12.96 13.35 16.00
CA GLY A 145 13.89 13.69 14.95
C GLY A 145 14.17 12.62 13.94
N THR A 146 13.46 11.50 13.98
CA THR A 146 13.65 10.44 12.99
C THR A 146 13.23 10.90 11.61
N THR A 147 14.07 10.58 10.62
N THR A 147 14.08 10.57 10.63
CA THR A 147 13.76 10.81 9.23
CA THR A 147 13.83 10.84 9.22
C THR A 147 14.28 9.62 8.44
C THR A 147 14.37 9.66 8.42
N TRP A 148 14.07 9.62 7.14
CA TRP A 148 14.50 8.50 6.30
C TRP A 148 14.49 8.95 4.85
N GLY A 149 14.88 8.04 3.95
CA GLY A 149 15.05 8.37 2.55
C GLY A 149 13.86 8.03 1.66
N LEU A 150 14.11 8.07 0.37
CA LEU A 150 13.06 8.01 -0.63
C LEU A 150 12.38 6.64 -0.64
N GLY A 151 11.06 6.63 -0.85
CA GLY A 151 10.36 5.37 -0.94
C GLY A 151 9.03 5.30 -0.23
N GLY A 152 8.83 6.18 0.74
CA GLY A 152 7.54 6.30 1.42
C GLY A 152 7.42 5.41 2.66
N THR A 153 6.16 5.29 3.14
CA THR A 153 5.91 4.62 4.42
C THR A 153 6.22 3.13 4.34
N CYS A 154 5.76 2.46 3.30
CA CYS A 154 5.95 1.01 3.27
C CYS A 154 7.45 0.66 3.29
N VAL A 155 8.23 1.34 2.45
CA VAL A 155 9.66 1.04 2.29
C VAL A 155 10.41 1.32 3.58
N ASN A 156 10.13 2.46 4.20
CA ASN A 156 10.95 2.94 5.30
C ASN A 156 10.42 2.60 6.68
N VAL A 157 9.12 2.71 6.89
CA VAL A 157 8.57 2.61 8.23
C VAL A 157 7.26 1.83 8.22
N GLY A 158 7.12 0.88 7.30
CA GLY A 158 5.89 0.16 7.07
C GLY A 158 6.11 -1.31 6.71
N CYS A 159 5.53 -1.72 5.59
CA CYS A 159 5.47 -3.14 5.28
C CYS A 159 6.84 -3.79 5.31
N ILE A 160 7.84 -3.12 4.73
CA ILE A 160 9.14 -3.75 4.53
C ILE A 160 9.83 -4.03 5.87
N PRO A 161 10.12 -3.02 6.70
CA PRO A 161 10.76 -3.35 7.98
C PRO A 161 9.86 -4.15 8.90
N LYS A 162 8.54 -3.88 8.87
CA LYS A 162 7.60 -4.65 9.70
C LYS A 162 7.71 -6.12 9.38
N LYS A 163 7.68 -6.45 8.08
CA LYS A 163 7.73 -7.89 7.76
C LYS A 163 9.08 -8.51 8.05
N LEU A 164 10.16 -7.73 7.90
CA LEU A 164 11.48 -8.24 8.25
C LEU A 164 11.60 -8.52 9.74
N MET A 165 11.03 -7.64 10.59
CA MET A 165 11.07 -7.88 12.03
C MET A 165 10.14 -9.03 12.43
N HIS A 166 9.01 -9.16 11.73
CA HIS A 166 8.19 -10.36 11.83
C HIS A 166 8.98 -11.62 11.54
N GLN A 167 9.75 -11.62 10.45
CA GLN A 167 10.57 -12.77 10.12
C GLN A 167 11.57 -13.07 11.22
N ALA A 168 12.20 -12.04 11.79
CA ALA A 168 13.11 -12.25 12.93
C ALA A 168 12.37 -12.91 14.06
N GLY A 169 11.10 -12.53 14.27
CA GLY A 169 10.30 -13.15 15.31
C GLY A 169 9.96 -14.58 14.96
N LEU A 170 9.55 -14.84 13.72
CA LEU A 170 9.28 -16.22 13.33
C LEU A 170 10.52 -17.10 13.54
N LEU A 171 11.69 -16.55 13.31
CA LEU A 171 12.91 -17.34 13.48
C LEU A 171 13.09 -17.76 14.92
N SER A 172 12.55 -17.02 15.88
CA SER A 172 12.56 -17.51 17.26
C SER A 172 11.88 -18.87 17.37
N HIS A 173 10.75 -19.03 16.70
CA HIS A 173 10.00 -20.26 16.74
C HIS A 173 10.63 -21.32 15.87
N ALA A 174 11.33 -20.90 14.81
CA ALA A 174 12.13 -21.85 14.06
C ALA A 174 13.24 -22.43 14.91
N LEU A 175 13.88 -21.61 15.75
CA LEU A 175 14.91 -22.09 16.64
C LEU A 175 14.36 -23.12 17.61
N GLU A 176 13.16 -22.88 18.13
CA GLU A 176 12.50 -23.86 19.00
C GLU A 176 12.18 -25.14 18.26
N ASP A 177 11.54 -25.01 17.10
CA ASP A 177 11.17 -26.16 16.30
C ASP A 177 12.38 -26.99 15.91
N ALA A 178 13.52 -26.33 15.63
CA ALA A 178 14.71 -27.03 15.15
C ALA A 178 15.13 -28.16 16.09
N GLU A 179 15.00 -27.96 17.39
CA GLU A 179 15.35 -29.03 18.33
C GLU A 179 14.52 -30.29 18.09
N HIS A 180 13.22 -30.12 17.94
CA HIS A 180 12.36 -31.27 17.77
C HIS A 180 12.62 -31.97 16.45
N PHE A 181 13.09 -31.24 15.43
CA PHE A 181 13.42 -31.83 14.15
C PHE A 181 14.83 -32.39 14.12
N GLY A 182 15.51 -32.45 15.27
CA GLY A 182 16.79 -33.13 15.37
C GLY A 182 18.02 -32.26 15.49
N TRP A 183 17.87 -30.94 15.42
CA TRP A 183 19.03 -30.05 15.50
C TRP A 183 19.49 -29.89 16.95
N SER A 184 20.79 -29.89 17.14
CA SER A 184 21.37 -29.81 18.48
C SER A 184 21.75 -28.35 18.73
N LEU A 185 20.95 -27.64 19.51
CA LEU A 185 21.29 -26.27 19.84
C LEU A 185 20.81 -25.98 21.24
N ASP A 186 21.62 -25.23 22.01
CA ASP A 186 21.28 -24.88 23.39
C ASP A 186 20.60 -23.53 23.37
N ARG A 187 19.27 -23.53 23.30
CA ARG A 187 18.52 -22.28 23.30
C ARG A 187 18.77 -21.44 24.56
N SER A 188 18.99 -22.08 25.70
CA SER A 188 19.31 -21.32 26.91
C SER A 188 20.42 -20.31 26.65
N LYS A 189 21.32 -20.62 25.73
CA LYS A 189 22.43 -19.74 25.41
C LYS A 189 22.15 -18.80 24.25
N ILE A 190 20.93 -18.81 23.70
CA ILE A 190 20.62 -18.04 22.51
C ILE A 190 19.79 -16.83 22.90
N SER A 191 20.23 -15.65 22.48
CA SER A 191 19.55 -14.40 22.75
C SER A 191 19.46 -13.65 21.43
N HIS A 192 18.64 -12.61 21.42
CA HIS A 192 18.48 -11.77 20.25
C HIS A 192 19.08 -10.39 20.49
N ASN A 193 19.76 -9.87 19.47
CA ASN A 193 20.39 -8.54 19.52
C ASN A 193 19.58 -7.61 18.63
N TRP A 194 18.77 -6.74 19.25
CA TRP A 194 17.95 -5.79 18.51
C TRP A 194 18.77 -4.96 17.53
N SER A 195 19.88 -4.39 18.01
N SER A 195 19.88 -4.40 17.97
CA SER A 195 20.67 -3.48 17.20
CA SER A 195 20.58 -3.46 17.10
C SER A 195 21.19 -4.17 15.94
C SER A 195 21.26 -4.14 15.92
N THR A 196 21.66 -5.41 16.06
CA THR A 196 22.11 -6.15 14.89
C THR A 196 20.98 -6.32 13.88
N MET A 197 19.78 -6.65 14.36
CA MET A 197 18.63 -6.78 13.47
C MET A 197 18.35 -5.46 12.77
N VAL A 198 18.28 -4.37 13.53
CA VAL A 198 17.94 -3.07 12.94
C VAL A 198 18.97 -2.69 11.90
N GLU A 199 20.24 -2.98 12.15
CA GLU A 199 21.26 -2.62 11.18
C GLU A 199 21.05 -3.36 9.87
N GLY A 200 20.66 -4.64 9.95
CA GLY A 200 20.39 -5.38 8.72
C GLY A 200 19.18 -4.85 7.99
N VAL A 201 18.11 -4.57 8.73
CA VAL A 201 16.88 -4.03 8.15
C VAL A 201 17.16 -2.70 7.47
N GLN A 202 17.91 -1.84 8.15
CA GLN A 202 18.20 -0.52 7.64
C GLN A 202 19.14 -0.57 6.47
N SER A 203 20.01 -1.57 6.40
CA SER A 203 20.88 -1.69 5.23
C SER A 203 20.03 -2.06 4.01
N HIS A 204 18.99 -2.88 4.21
CA HIS A 204 18.12 -3.20 3.10
C HIS A 204 17.28 -2.00 2.70
N ILE A 205 16.73 -1.29 3.67
CA ILE A 205 15.98 -0.08 3.36
C ILE A 205 16.86 0.89 2.60
N GLY A 206 18.10 1.04 3.03
CA GLY A 206 19.03 1.92 2.34
C GLY A 206 19.23 1.52 0.89
N SER A 207 19.33 0.22 0.63
CA SER A 207 19.46 -0.23 -0.74
C SER A 207 18.20 0.08 -1.55
N LEU A 208 17.03 0.09 -0.92
CA LEU A 208 15.80 0.50 -1.61
C LEU A 208 15.78 2.00 -1.85
N ASN A 209 16.18 2.81 -0.85
CA ASN A 209 16.21 4.26 -1.06
C ASN A 209 17.05 4.58 -2.29
N TRP A 210 18.23 3.96 -2.36
CA TRP A 210 19.17 4.19 -3.45
C TRP A 210 18.61 3.69 -4.75
N GLY A 211 18.05 2.48 -4.72
CA GLY A 211 17.45 1.89 -5.91
C GLY A 211 16.37 2.74 -6.54
N TYR A 212 15.53 3.38 -5.72
CA TYR A 212 14.49 4.24 -6.27
C TYR A 212 15.10 5.47 -6.90
N LYS A 213 16.12 6.05 -6.25
CA LYS A 213 16.79 7.20 -6.84
C LYS A 213 17.38 6.81 -8.20
N VAL A 214 18.00 5.63 -8.28
CA VAL A 214 18.56 5.17 -9.54
C VAL A 214 17.47 4.93 -10.56
N ALA A 215 16.36 4.33 -10.13
CA ALA A 215 15.26 4.08 -11.07
C ALA A 215 14.72 5.39 -11.64
N LEU A 216 14.56 6.40 -10.80
CA LEU A 216 14.06 7.69 -11.29
C LEU A 216 15.05 8.28 -12.29
N ARG A 217 16.36 8.26 -11.95
CA ARG A 217 17.36 8.77 -12.88
C ARG A 217 17.30 7.99 -14.20
N ASP A 218 17.20 6.67 -14.12
CA ASP A 218 17.20 5.86 -15.33
C ASP A 218 15.96 6.06 -16.21
N ASN A 219 14.85 6.56 -15.65
CA ASN A 219 13.70 6.90 -16.48
C ASN A 219 13.63 8.38 -16.79
N GLN A 220 14.70 9.13 -16.52
CA GLN A 220 14.75 10.57 -16.77
C GLN A 220 13.69 11.33 -15.95
N VAL A 221 13.34 10.83 -14.78
CA VAL A 221 12.45 11.52 -13.86
C VAL A 221 13.29 12.43 -12.99
N THR A 222 12.85 13.66 -12.83
CA THR A 222 13.50 14.61 -11.95
C THR A 222 13.05 14.34 -10.52
N TYR A 223 14.00 14.10 -9.63
CA TYR A 223 13.72 13.87 -8.22
C TYR A 223 14.15 15.11 -7.44
N LEU A 224 13.19 15.72 -6.76
CA LEU A 224 13.44 16.87 -5.89
C LEU A 224 13.14 16.48 -4.44
N ASN A 225 14.17 16.54 -3.60
CA ASN A 225 14.00 16.30 -2.16
C ASN A 225 13.56 17.63 -1.56
N ALA A 226 12.27 17.91 -1.72
CA ALA A 226 11.69 19.20 -1.39
C ALA A 226 10.22 19.01 -1.01
N LYS A 227 9.72 19.88 -0.12
CA LYS A 227 8.32 19.88 0.25
C LYS A 227 7.54 20.63 -0.83
N GLY A 228 6.51 20.01 -1.36
CA GLY A 228 5.68 20.61 -2.38
C GLY A 228 4.40 21.06 -1.82
N ARG A 229 3.89 22.19 -2.36
N ARG A 229 3.91 22.23 -2.28
CA ARG A 229 2.64 22.83 -1.96
CA ARG A 229 2.60 22.75 -1.93
C ARG A 229 1.93 23.24 -3.23
C ARG A 229 1.93 23.23 -3.22
N LEU A 230 0.73 22.72 -3.46
CA LEU A 230 -0.03 23.09 -4.66
C LEU A 230 -0.72 24.41 -4.37
N ILE A 231 -0.29 25.48 -5.05
CA ILE A 231 -0.80 26.81 -4.78
C ILE A 231 -1.79 27.28 -5.84
N SER A 232 -1.83 26.63 -7.00
CA SER A 232 -2.87 26.79 -8.00
C SER A 232 -2.91 25.49 -8.78
N PRO A 233 -3.89 25.32 -9.67
CA PRO A 233 -4.01 24.01 -10.33
C PRO A 233 -2.73 23.47 -10.97
N HIS A 234 -1.88 24.35 -11.51
CA HIS A 234 -0.70 23.92 -12.24
C HIS A 234 0.62 24.39 -11.63
N GLU A 235 0.57 25.04 -10.47
CA GLU A 235 1.76 25.62 -9.84
C GLU A 235 2.01 24.92 -8.52
N VAL A 236 3.23 24.44 -8.35
CA VAL A 236 3.67 23.79 -7.13
C VAL A 236 4.81 24.62 -6.56
N GLN A 237 4.64 25.08 -5.34
CA GLN A 237 5.71 25.76 -4.62
C GLN A 237 6.53 24.73 -3.86
N ILE A 238 7.85 24.77 -4.03
CA ILE A 238 8.73 23.80 -3.39
C ILE A 238 9.69 24.52 -2.47
N THR A 239 9.95 23.91 -1.31
CA THR A 239 10.92 24.41 -0.35
C THR A 239 11.96 23.33 -0.16
N ASP A 240 13.22 23.64 -0.48
CA ASP A 240 14.29 22.67 -0.36
C ASP A 240 14.81 22.66 1.07
N LYS A 241 15.86 21.89 1.32
CA LYS A 241 16.40 21.82 2.68
C LYS A 241 16.92 23.18 3.12
N ASN A 242 17.60 23.89 2.20
CA ASN A 242 18.13 25.22 2.49
C ASN A 242 17.06 26.23 2.83
N GLN A 243 15.77 25.89 2.70
CA GLN A 243 14.65 26.80 2.87
C GLN A 243 14.47 27.69 1.65
N LYS A 244 15.23 27.44 0.58
CA LYS A 244 15.01 28.14 -0.68
C LYS A 244 13.65 27.77 -1.24
N VAL A 245 12.85 28.78 -1.55
CA VAL A 245 11.52 28.56 -2.11
C VAL A 245 11.55 28.86 -3.60
N SER A 246 10.85 28.02 -4.37
CA SER A 246 10.78 28.18 -5.82
C SER A 246 9.38 27.76 -6.26
N THR A 247 9.12 27.86 -7.56
CA THR A 247 7.84 27.43 -8.11
C THR A 247 8.10 26.69 -9.41
N ILE A 248 7.42 25.57 -9.58
CA ILE A 248 7.48 24.81 -10.83
C ILE A 248 6.05 24.56 -11.28
N THR A 249 5.88 24.36 -12.58
CA THR A 249 4.55 24.20 -13.15
C THR A 249 4.43 22.84 -13.79
N GLY A 250 3.22 22.29 -13.77
CA GLY A 250 2.98 20.97 -14.31
C GLY A 250 1.60 20.90 -14.93
N ASN A 251 1.46 20.06 -15.96
CA ASN A 251 0.15 19.88 -16.57
C ASN A 251 -0.77 19.10 -15.65
N LYS A 252 -0.42 17.84 -15.40
CA LYS A 252 -1.14 16.98 -14.47
C LYS A 252 -0.38 16.97 -13.15
N ILE A 253 -1.13 16.89 -12.06
CA ILE A 253 -0.59 16.84 -10.71
C ILE A 253 -1.13 15.58 -10.05
N ILE A 254 -0.26 14.80 -9.41
CA ILE A 254 -0.70 13.65 -8.61
C ILE A 254 -0.31 13.91 -7.18
N LEU A 255 -1.32 14.00 -6.32
CA LEU A 255 -1.12 14.06 -4.88
C LEU A 255 -0.97 12.64 -4.36
N ALA A 256 0.19 12.34 -3.79
CA ALA A 256 0.49 11.00 -3.27
C ALA A 256 1.25 11.15 -1.95
N THR A 257 0.76 11.99 -1.05
CA THR A 257 1.49 12.40 0.14
C THR A 257 1.28 11.53 1.36
N GLY A 258 0.37 10.56 1.33
CA GLY A 258 0.31 9.59 2.40
C GLY A 258 -0.13 10.19 3.73
N GLU A 259 0.09 9.42 4.79
CA GLU A 259 -0.35 9.78 6.13
C GLU A 259 0.81 9.67 7.11
N ARG A 260 0.61 10.13 8.33
CA ARG A 260 1.55 9.92 9.41
C ARG A 260 0.77 9.51 10.68
N PRO A 261 1.50 8.93 11.62
CA PRO A 261 0.81 8.46 12.86
C PRO A 261 0.16 9.57 13.65
N LYS A 262 -0.97 9.22 14.24
CA LYS A 262 -1.59 10.09 15.23
C LYS A 262 -0.98 9.89 16.60
N TYR A 263 -1.04 10.97 17.44
CA TYR A 263 -0.76 10.82 18.87
C TYR A 263 -2.04 11.08 19.66
N PRO A 264 -2.27 10.36 20.75
CA PRO A 264 -3.34 10.76 21.67
C PRO A 264 -3.00 12.07 22.37
N GLU A 265 -4.05 12.80 22.72
CA GLU A 265 -3.92 14.11 23.34
C GLU A 265 -3.87 13.93 24.85
N ILE A 266 -2.73 13.40 25.30
CA ILE A 266 -2.48 13.21 26.73
C ILE A 266 -1.09 13.72 27.06
N PRO A 267 -0.88 14.19 28.29
CA PRO A 267 0.44 14.72 28.66
C PRO A 267 1.48 13.63 28.53
N GLY A 268 2.62 14.01 27.97
CA GLY A 268 3.72 13.09 27.83
C GLY A 268 3.77 12.30 26.55
N ALA A 269 2.70 12.28 25.76
CA ALA A 269 2.65 11.35 24.63
C ALA A 269 3.68 11.73 23.56
N VAL A 270 3.70 12.99 23.14
CA VAL A 270 4.63 13.39 22.09
C VAL A 270 6.06 13.42 22.62
N GLU A 271 6.22 13.83 23.88
CA GLU A 271 7.56 13.95 24.45
C GLU A 271 8.20 12.59 24.69
N TYR A 272 7.45 11.61 25.21
CA TYR A 272 8.07 10.39 25.69
C TYR A 272 7.66 9.12 24.94
N GLY A 273 6.55 9.12 24.21
CA GLY A 273 6.19 7.98 23.40
C GLY A 273 6.88 7.98 22.06
N ILE A 274 6.72 6.88 21.34
CA ILE A 274 7.20 6.77 19.97
C ILE A 274 6.04 6.18 19.16
N THR A 275 6.19 6.21 17.84
CA THR A 275 5.29 5.50 16.94
C THR A 275 6.06 4.53 16.03
N SER A 276 5.30 3.90 15.12
CA SER A 276 5.92 3.02 14.14
C SER A 276 6.96 3.76 13.31
N ASP A 277 6.82 5.09 13.14
CA ASP A 277 7.80 5.88 12.39
C ASP A 277 9.19 5.78 13.02
N ASP A 278 9.23 5.64 14.35
CA ASP A 278 10.49 5.59 15.09
C ASP A 278 10.96 4.17 15.30
N LEU A 279 10.02 3.23 15.41
CA LEU A 279 10.36 1.89 15.86
C LEU A 279 11.34 1.19 14.94
N PHE A 280 11.19 1.37 13.63
CA PHE A 280 11.91 0.54 12.69
C PHE A 280 13.37 0.94 12.54
N SER A 281 13.78 2.07 13.09
CA SER A 281 15.19 2.44 13.12
C SER A 281 15.65 2.70 14.54
N LEU A 282 14.91 2.22 15.53
CA LEU A 282 15.19 2.62 16.91
C LEU A 282 16.59 2.17 17.30
N PRO A 283 17.45 3.06 17.79
CA PRO A 283 18.85 2.66 18.03
C PRO A 283 19.03 1.73 19.22
N TYR A 284 18.07 1.68 20.14
CA TYR A 284 18.12 0.86 21.35
C TYR A 284 16.98 -0.14 21.34
N PHE A 285 17.16 -1.28 22.01
CA PHE A 285 16.05 -2.23 22.06
C PHE A 285 14.94 -1.61 22.91
N PRO A 286 13.68 -1.71 22.48
CA PRO A 286 12.60 -1.11 23.26
C PRO A 286 12.53 -1.63 24.67
N GLY A 287 12.93 -2.87 24.93
CA GLY A 287 12.78 -3.40 26.27
C GLY A 287 11.31 -3.67 26.59
N LYS A 288 10.98 -3.56 27.87
CA LYS A 288 9.60 -3.74 28.29
C LYS A 288 8.72 -2.66 27.66
N THR A 289 7.75 -3.10 26.85
CA THR A 289 7.04 -2.22 25.93
C THR A 289 5.54 -2.26 26.14
N LEU A 290 4.93 -1.08 26.09
CA LEU A 290 3.49 -0.94 26.06
C LEU A 290 3.13 -0.42 24.68
N VAL A 291 2.26 -1.15 23.96
CA VAL A 291 1.67 -0.67 22.72
C VAL A 291 0.26 -0.19 23.04
N ILE A 292 0.00 1.08 22.78
CA ILE A 292 -1.35 1.64 22.92
C ILE A 292 -2.04 1.64 21.56
N GLY A 293 -3.17 0.94 21.49
CA GLY A 293 -3.83 0.75 20.21
C GLY A 293 -4.06 -0.72 19.93
N ALA A 294 -4.92 -0.96 18.95
CA ALA A 294 -5.30 -2.33 18.61
C ALA A 294 -5.53 -2.50 17.12
N SER A 295 -4.95 -1.62 16.32
CA SER A 295 -4.94 -1.79 14.87
C SER A 295 -4.03 -2.94 14.45
N TYR A 296 -4.01 -3.23 13.14
CA TYR A 296 -3.09 -4.26 12.69
C TYR A 296 -1.63 -3.83 12.93
N VAL A 297 -1.34 -2.53 12.90
CA VAL A 297 0.02 -2.10 13.19
C VAL A 297 0.34 -2.37 14.66
N ALA A 298 -0.59 -2.03 15.56
CA ALA A 298 -0.36 -2.28 16.98
C ALA A 298 -0.04 -3.74 17.24
N LEU A 299 -0.87 -4.64 16.67
CA LEU A 299 -0.73 -6.04 16.98
C LEU A 299 0.52 -6.61 16.31
N GLU A 300 0.81 -6.18 15.08
CA GLU A 300 2.00 -6.66 14.39
C GLU A 300 3.25 -6.31 15.17
N CYS A 301 3.33 -5.05 15.61
CA CYS A 301 4.48 -4.59 16.38
C CYS A 301 4.57 -5.30 17.72
N ALA A 302 3.48 -5.35 18.48
CA ALA A 302 3.51 -6.10 19.73
C ALA A 302 3.96 -7.53 19.48
N GLY A 303 3.46 -8.14 18.41
CA GLY A 303 3.74 -9.54 18.20
C GLY A 303 5.22 -9.81 17.99
N PHE A 304 5.88 -9.04 17.10
CA PHE A 304 7.29 -9.39 16.90
C PHE A 304 8.15 -8.99 18.09
N LEU A 305 7.79 -7.93 18.82
CA LEU A 305 8.57 -7.57 20.00
C LEU A 305 8.52 -8.70 21.04
N ALA A 306 7.36 -9.35 21.16
CA ALA A 306 7.28 -10.45 22.12
C ALA A 306 8.13 -11.63 21.67
N SER A 307 8.10 -11.95 20.37
CA SER A 307 8.87 -13.09 19.87
C SER A 307 10.37 -12.85 19.92
N LEU A 308 10.79 -11.60 19.95
CA LEU A 308 12.18 -11.25 20.13
C LEU A 308 12.59 -11.20 21.60
N GLY A 309 11.75 -11.70 22.48
CA GLY A 309 12.08 -11.74 23.90
C GLY A 309 11.55 -10.59 24.72
N GLY A 310 10.72 -9.74 24.14
CA GLY A 310 10.26 -8.59 24.87
C GLY A 310 9.11 -8.91 25.81
N ASP A 311 9.05 -8.14 26.89
CA ASP A 311 7.92 -8.11 27.80
C ASP A 311 6.95 -7.08 27.23
N VAL A 312 5.85 -7.55 26.66
CA VAL A 312 4.99 -6.68 25.85
C VAL A 312 3.56 -6.71 26.35
N THR A 313 2.97 -5.54 26.40
CA THR A 313 1.59 -5.33 26.76
C THR A 313 0.93 -4.47 25.70
N VAL A 314 -0.32 -4.82 25.37
CA VAL A 314 -1.14 -4.07 24.44
C VAL A 314 -2.30 -3.49 25.22
N MET A 315 -2.48 -2.18 25.15
CA MET A 315 -3.59 -1.51 25.84
C MET A 315 -4.71 -1.28 24.83
N VAL A 316 -5.85 -1.93 25.05
CA VAL A 316 -6.94 -2.01 24.09
C VAL A 316 -8.13 -1.20 24.61
N ARG A 317 -8.52 -0.20 23.84
CA ARG A 317 -9.59 0.65 24.28
C ARG A 317 -10.92 -0.09 24.23
N SER A 318 -11.24 -0.69 23.08
CA SER A 318 -12.44 -1.50 22.97
C SER A 318 -12.22 -2.90 22.39
N ILE A 319 -11.95 -2.98 21.09
CA ILE A 319 -11.85 -4.25 20.38
C ILE A 319 -10.56 -4.27 19.59
N LEU A 320 -10.14 -5.48 19.19
CA LEU A 320 -9.02 -5.69 18.30
C LEU A 320 -9.42 -5.62 16.83
N LEU A 321 -8.54 -5.06 16.01
CA LEU A 321 -8.71 -5.06 14.56
C LEU A 321 -10.12 -4.62 14.13
N ARG A 322 -10.56 -3.49 14.67
CA ARG A 322 -11.81 -2.89 14.26
C ARG A 322 -11.85 -2.78 12.74
N GLY A 323 -12.96 -3.17 12.16
CA GLY A 323 -13.11 -3.21 10.72
C GLY A 323 -12.82 -4.55 10.10
N PHE A 324 -12.12 -5.43 10.80
CA PHE A 324 -11.88 -6.79 10.34
C PHE A 324 -12.90 -7.72 10.98
N ASP A 325 -13.09 -8.88 10.35
CA ASP A 325 -13.91 -9.96 10.90
C ASP A 325 -13.57 -10.22 12.36
N GLN A 326 -14.56 -10.02 13.25
CA GLN A 326 -14.24 -10.03 14.67
C GLN A 326 -14.00 -11.43 15.23
N GLN A 327 -14.58 -12.48 14.64
CA GLN A 327 -14.19 -13.82 15.02
C GLN A 327 -12.70 -14.03 14.77
N MET A 328 -12.23 -13.65 13.58
CA MET A 328 -10.81 -13.84 13.28
C MET A 328 -9.95 -12.93 14.16
N ALA A 329 -10.39 -11.70 14.41
CA ALA A 329 -9.62 -10.81 15.26
C ALA A 329 -9.45 -11.39 16.67
N GLU A 330 -10.53 -11.96 17.22
CA GLU A 330 -10.43 -12.61 18.51
C GLU A 330 -9.45 -13.76 18.47
N LYS A 331 -9.48 -14.58 17.41
CA LYS A 331 -8.54 -15.69 17.35
C LYS A 331 -7.08 -15.22 17.25
N VAL A 332 -6.86 -14.15 16.48
CA VAL A 332 -5.53 -13.55 16.37
C VAL A 332 -5.04 -13.13 17.75
N GLY A 333 -5.90 -12.43 18.49
CA GLY A 333 -5.50 -11.96 19.80
C GLY A 333 -5.31 -13.08 20.81
N ASP A 334 -6.17 -14.10 20.77
CA ASP A 334 -6.04 -15.23 21.68
C ASP A 334 -4.72 -15.94 21.48
N TYR A 335 -4.31 -16.13 20.23
CA TYR A 335 -3.02 -16.74 19.95
C TYR A 335 -1.92 -15.90 20.59
N MET A 336 -1.98 -14.58 20.39
CA MET A 336 -0.94 -13.71 20.94
C MET A 336 -0.89 -13.78 22.46
N GLU A 337 -2.05 -13.75 23.12
CA GLU A 337 -2.08 -13.83 24.58
C GLU A 337 -1.53 -15.15 25.09
N ASN A 338 -1.82 -16.24 24.37
CA ASN A 338 -1.33 -17.54 24.75
C ASN A 338 0.16 -17.65 24.51
N HIS A 339 0.72 -16.78 23.69
CA HIS A 339 2.15 -16.77 23.39
C HIS A 339 2.91 -15.54 23.88
N GLY A 340 2.55 -15.03 25.04
CA GLY A 340 3.37 -14.07 25.76
C GLY A 340 2.81 -12.66 25.84
N VAL A 341 2.04 -12.24 24.85
CA VAL A 341 1.57 -10.87 24.80
C VAL A 341 0.49 -10.61 25.84
N LYS A 342 0.72 -9.65 26.74
CA LYS A 342 -0.29 -9.28 27.71
C LYS A 342 -1.22 -8.24 27.13
N PHE A 343 -2.50 -8.32 27.49
CA PHE A 343 -3.51 -7.37 27.04
C PHE A 343 -4.15 -6.70 28.24
N ALA A 344 -4.12 -5.39 28.26
CA ALA A 344 -4.86 -4.58 29.22
C ALA A 344 -6.11 -4.15 28.46
N LYS A 345 -7.20 -4.88 28.66
CA LYS A 345 -8.39 -4.72 27.85
C LYS A 345 -9.31 -3.69 28.48
N LEU A 346 -10.01 -2.96 27.63
CA LEU A 346 -10.96 -1.93 28.06
C LEU A 346 -10.24 -0.89 28.93
N CYS A 347 -9.16 -0.35 28.37
CA CYS A 347 -8.22 0.48 29.10
C CYS A 347 -7.73 1.58 28.17
N VAL A 348 -7.62 2.79 28.71
CA VAL A 348 -7.06 3.90 27.96
C VAL A 348 -6.00 4.64 28.78
N PRO A 349 -5.06 5.30 28.12
CA PRO A 349 -4.00 6.00 28.87
C PRO A 349 -4.45 7.41 29.26
N ASP A 350 -4.00 7.86 30.43
CA ASP A 350 -4.24 9.23 30.86
C ASP A 350 -3.00 10.12 30.83
N GLU A 351 -1.81 9.58 31.10
CA GLU A 351 -0.61 10.42 31.06
C GLU A 351 0.61 9.50 31.02
N ILE A 352 1.67 10.03 30.43
CA ILE A 352 2.97 9.35 30.37
C ILE A 352 3.96 10.23 31.12
N LYS A 353 4.59 9.69 32.16
CA LYS A 353 5.58 10.41 32.95
C LYS A 353 6.95 9.79 32.70
N GLN A 354 7.98 10.62 32.59
CA GLN A 354 9.33 10.15 32.32
C GLN A 354 10.04 9.79 33.62
N LEU A 355 10.62 8.59 33.68
CA LEU A 355 11.43 8.16 34.81
C LEU A 355 12.91 8.04 34.50
N LYS A 356 13.27 7.76 33.24
CA LYS A 356 14.65 7.78 32.78
C LYS A 356 14.66 8.28 31.33
N VAL A 357 15.66 9.07 31.00
CA VAL A 357 15.90 9.50 29.64
C VAL A 357 16.60 8.39 28.85
N VAL A 358 16.34 8.35 27.54
CA VAL A 358 16.99 7.36 26.68
C VAL A 358 18.49 7.58 26.72
N ASP A 359 19.25 6.47 26.80
CA ASP A 359 20.71 6.50 26.83
C ASP A 359 21.19 6.47 25.37
N THR A 360 21.49 7.64 24.81
CA THR A 360 21.81 7.77 23.40
C THR A 360 23.21 7.26 23.08
N GLU A 361 23.97 6.89 24.12
CA GLU A 361 25.38 6.49 24.08
C GLU A 361 25.66 5.01 24.13
N ASN A 362 24.97 4.35 25.04
CA ASN A 362 25.00 2.92 25.24
C ASN A 362 23.79 2.28 24.62
N ASN A 363 22.96 3.07 23.91
CA ASN A 363 21.77 2.56 23.22
C ASN A 363 20.98 1.62 24.14
N LYS A 364 20.50 2.20 25.22
CA LYS A 364 19.54 1.60 26.13
C LYS A 364 18.31 2.48 26.18
N PRO A 365 17.12 1.89 26.38
CA PRO A 365 15.90 2.70 26.47
C PRO A 365 15.89 3.47 27.79
N GLY A 366 14.99 4.44 27.86
CA GLY A 366 14.69 5.12 29.11
C GLY A 366 13.69 4.30 29.90
N LEU A 367 12.86 5.00 30.66
CA LEU A 367 11.86 4.38 31.51
C LEU A 367 10.71 5.35 31.69
N LEU A 368 9.49 4.84 31.59
CA LEU A 368 8.28 5.64 31.63
C LEU A 368 7.29 5.04 32.60
N LEU A 369 6.52 5.91 33.25
CA LEU A 369 5.36 5.52 34.06
C LEU A 369 4.12 5.85 33.25
N VAL A 370 3.29 4.85 32.99
CA VAL A 370 2.03 5.05 32.26
C VAL A 370 0.91 4.95 33.27
N LYS A 371 0.11 6.01 33.36
CA LYS A 371 -1.11 6.03 34.15
C LYS A 371 -2.29 6.01 33.20
N GLY A 372 -3.25 5.14 33.48
CA GLY A 372 -4.49 5.13 32.72
C GLY A 372 -5.61 4.60 33.58
N HIS A 373 -6.70 4.19 32.94
CA HIS A 373 -7.81 3.64 33.71
C HIS A 373 -8.59 2.67 32.85
N TYR A 374 -9.12 1.64 33.51
CA TYR A 374 -9.99 0.64 32.92
C TYR A 374 -11.45 1.09 32.99
N THR A 375 -12.29 0.50 32.12
CA THR A 375 -13.72 0.81 32.18
C THR A 375 -14.32 0.47 33.54
N ASP A 376 -13.71 -0.47 34.27
CA ASP A 376 -14.29 -0.86 35.57
C ASP A 376 -13.87 0.05 36.70
N GLY A 377 -13.15 1.12 36.36
CA GLY A 377 -12.77 2.11 37.33
C GLY A 377 -11.43 1.87 37.98
N LYS A 378 -10.83 0.73 37.74
CA LYS A 378 -9.54 0.46 38.34
C LYS A 378 -8.49 1.28 37.62
N LYS A 379 -7.49 1.70 38.37
CA LYS A 379 -6.44 2.51 37.80
C LYS A 379 -5.37 1.58 37.21
N PHE A 380 -4.78 2.03 36.11
CA PHE A 380 -3.64 1.38 35.47
C PHE A 380 -2.42 2.24 35.81
N GLU A 381 -1.38 1.62 36.34
CA GLU A 381 -0.16 2.36 36.68
C GLU A 381 0.97 1.33 36.61
N GLU A 382 1.80 1.45 35.59
CA GLU A 382 2.82 0.45 35.36
C GLU A 382 3.98 1.13 34.64
N GLU A 383 5.19 0.65 34.92
CA GLU A 383 6.40 1.18 34.28
C GLU A 383 6.68 0.41 33.01
N PHE A 384 7.10 1.14 31.98
CA PHE A 384 7.54 0.55 30.71
C PHE A 384 8.81 1.25 30.24
N GLU A 385 9.67 0.50 29.56
CA GLU A 385 10.84 1.14 28.98
C GLU A 385 10.49 1.90 27.70
N THR A 386 9.53 1.40 26.94
CA THR A 386 9.12 2.04 25.70
C THR A 386 7.59 2.04 25.61
N VAL A 387 7.03 3.12 25.08
CA VAL A 387 5.59 3.25 24.87
C VAL A 387 5.38 3.60 23.41
N ILE A 388 4.64 2.76 22.70
CA ILE A 388 4.39 2.93 21.27
C ILE A 388 2.91 3.24 21.07
N PHE A 389 2.62 4.38 20.44
CA PHE A 389 1.27 4.74 20.05
C PHE A 389 1.00 4.20 18.66
N ALA A 390 -0.07 3.44 18.55
CA ALA A 390 -0.60 2.94 17.29
C ALA A 390 -2.11 3.16 17.38
N VAL A 391 -2.51 4.44 17.27
CA VAL A 391 -3.89 4.85 17.39
C VAL A 391 -4.49 5.50 16.16
N GLY A 392 -3.98 5.16 15.01
CA GLY A 392 -4.49 5.77 13.82
C GLY A 392 -3.46 6.58 13.07
N ARG A 393 -3.72 6.82 11.79
CA ARG A 393 -2.86 7.58 10.93
C ARG A 393 -3.75 8.63 10.26
N GLU A 394 -3.16 9.75 9.87
CA GLU A 394 -3.94 10.85 9.32
C GLU A 394 -3.22 11.56 8.21
N PRO A 395 -3.93 12.05 7.20
CA PRO A 395 -3.30 12.82 6.15
C PRO A 395 -2.80 14.17 6.68
N GLN A 396 -1.92 14.80 5.89
CA GLN A 396 -1.16 15.98 6.32
C GLN A 396 -1.37 17.16 5.38
N LEU A 397 -2.46 17.16 4.63
CA LEU A 397 -2.73 18.22 3.68
C LEU A 397 -3.32 19.40 4.43
N SER A 398 -2.86 20.59 4.07
N SER A 398 -2.87 20.59 4.07
CA SER A 398 -3.45 21.79 4.63
CA SER A 398 -3.45 21.80 4.62
C SER A 398 -4.88 21.96 4.08
C SER A 398 -4.87 21.98 4.09
N LYS A 399 -5.86 21.91 4.98
CA LYS A 399 -7.25 22.13 4.56
C LYS A 399 -7.41 23.50 3.89
N VAL A 400 -6.83 24.54 4.49
CA VAL A 400 -7.00 25.90 3.99
C VAL A 400 -6.53 25.99 2.55
N LEU A 401 -5.27 25.61 2.32
CA LEU A 401 -4.71 25.77 0.97
C LEU A 401 -5.40 24.86 -0.03
N CYS A 402 -5.83 23.66 0.40
CA CYS A 402 -6.63 22.81 -0.47
C CYS A 402 -7.92 23.50 -0.88
N GLU A 403 -8.57 24.18 0.08
CA GLU A 403 -9.76 24.96 -0.22
C GLU A 403 -9.43 26.03 -1.27
N THR A 404 -8.31 26.71 -1.10
CA THR A 404 -7.96 27.80 -2.02
C THR A 404 -7.88 27.31 -3.46
N VAL A 405 -7.15 26.23 -3.68
CA VAL A 405 -6.99 25.68 -5.02
C VAL A 405 -8.28 25.01 -5.49
N GLY A 406 -9.09 24.52 -4.56
CA GLY A 406 -10.36 23.95 -4.90
C GLY A 406 -10.41 22.43 -4.87
N VAL A 407 -9.46 21.80 -4.19
CA VAL A 407 -9.42 20.36 -4.03
C VAL A 407 -10.25 20.02 -2.79
N LYS A 408 -11.32 19.28 -2.99
CA LYS A 408 -12.23 18.97 -1.91
C LYS A 408 -11.66 17.89 -1.00
N LEU A 409 -11.74 18.11 0.31
CA LEU A 409 -11.39 17.10 1.30
C LEU A 409 -12.64 16.68 2.06
N ASP A 410 -12.58 15.53 2.70
CA ASP A 410 -13.68 15.07 3.52
C ASP A 410 -13.41 15.45 4.97
N LYS A 411 -14.32 15.02 5.85
CA LYS A 411 -14.26 15.15 7.30
C LYS A 411 -12.88 14.83 7.84
N ASN A 412 -12.27 13.77 7.31
CA ASN A 412 -11.03 13.21 7.82
C ASN A 412 -9.80 13.82 7.18
N GLY A 413 -9.97 14.80 6.28
CA GLY A 413 -8.87 15.41 5.58
C GLY A 413 -8.39 14.64 4.38
N ARG A 414 -9.10 13.59 3.96
CA ARG A 414 -8.71 12.84 2.78
C ARG A 414 -9.34 13.45 1.54
N VAL A 415 -8.78 13.12 0.39
CA VAL A 415 -9.16 13.77 -0.86
C VAL A 415 -10.32 13.01 -1.47
N VAL A 416 -11.36 13.74 -1.88
CA VAL A 416 -12.56 13.12 -2.43
C VAL A 416 -12.40 12.99 -3.92
N CYS A 417 -12.39 11.74 -4.40
CA CYS A 417 -12.04 11.44 -5.78
C CYS A 417 -13.12 10.66 -6.50
N THR A 418 -13.14 10.86 -7.82
CA THR A 418 -13.92 10.04 -8.71
C THR A 418 -13.29 8.65 -8.79
N ASP A 419 -13.99 7.75 -9.48
CA ASP A 419 -13.46 6.40 -9.60
CA ASP A 419 -13.46 6.39 -9.60
C ASP A 419 -12.26 6.30 -10.53
N ASP A 420 -11.82 7.41 -11.12
CA ASP A 420 -10.58 7.49 -11.89
C ASP A 420 -9.53 8.35 -11.19
N GLU A 421 -9.66 8.55 -9.86
CA GLU A 421 -8.74 9.25 -8.98
C GLU A 421 -8.73 10.77 -9.18
N GLN A 422 -9.63 11.29 -9.99
CA GLN A 422 -9.64 12.72 -10.23
C GLN A 422 -10.22 13.46 -9.03
N THR A 423 -9.54 14.53 -8.64
CA THR A 423 -10.02 15.41 -7.58
C THR A 423 -11.05 16.37 -8.18
N THR A 424 -11.53 17.32 -7.37
CA THR A 424 -12.42 18.37 -7.88
C THR A 424 -11.67 19.41 -8.73
N VAL A 425 -10.35 19.33 -8.80
CA VAL A 425 -9.56 20.10 -9.78
C VAL A 425 -9.13 19.11 -10.85
N SER A 426 -9.56 19.34 -12.09
CA SER A 426 -9.65 18.24 -13.06
C SER A 426 -8.31 17.72 -13.56
N ASN A 427 -7.25 18.49 -13.43
CA ASN A 427 -5.90 18.05 -13.76
C ASN A 427 -5.16 17.51 -12.55
N VAL A 428 -5.78 17.50 -11.38
CA VAL A 428 -5.17 17.04 -10.14
C VAL A 428 -5.85 15.75 -9.73
N TYR A 429 -5.03 14.76 -9.39
CA TYR A 429 -5.45 13.41 -9.04
C TYR A 429 -4.85 13.07 -7.69
N ALA A 430 -5.45 12.09 -7.00
CA ALA A 430 -4.97 11.64 -5.69
C ALA A 430 -4.97 10.13 -5.66
N ILE A 431 -3.86 9.56 -5.19
CA ILE A 431 -3.74 8.11 -5.11
C ILE A 431 -3.23 7.73 -3.72
N GLY A 432 -3.37 6.45 -3.40
CA GLY A 432 -2.81 5.96 -2.15
C GLY A 432 -3.66 6.30 -0.95
N ASP A 433 -2.98 6.42 0.19
CA ASP A 433 -3.72 6.47 1.45
C ASP A 433 -4.58 7.73 1.61
N ILE A 434 -4.27 8.83 0.91
CA ILE A 434 -5.10 10.04 1.03
C ILE A 434 -6.34 10.02 0.16
N ASN A 435 -6.52 8.99 -0.65
CA ASN A 435 -7.72 8.88 -1.48
C ASN A 435 -8.84 8.34 -0.61
N ALA A 436 -9.83 9.19 -0.36
CA ALA A 436 -10.87 8.87 0.60
C ALA A 436 -11.61 7.60 0.19
N GLY A 437 -11.82 6.71 1.16
CA GLY A 437 -12.60 5.51 0.97
C GLY A 437 -11.86 4.29 0.43
N LYS A 438 -10.63 4.43 -0.01
CA LYS A 438 -9.94 3.32 -0.62
C LYS A 438 -9.14 2.52 0.41
N PRO A 439 -8.95 1.22 0.15
CA PRO A 439 -8.08 0.41 1.02
C PRO A 439 -6.69 0.99 1.07
N GLN A 440 -6.14 1.10 2.28
CA GLN A 440 -4.87 1.78 2.49
C GLN A 440 -3.75 0.73 2.47
N LEU A 441 -3.33 0.41 1.25
CA LEU A 441 -2.38 -0.68 1.04
C LEU A 441 -1.42 -0.34 -0.08
N THR A 442 -0.18 -0.83 0.01
CA THR A 442 0.83 -0.48 -0.97
C THR A 442 0.51 -0.99 -2.38
N PRO A 443 0.04 -2.23 -2.57
CA PRO A 443 -0.26 -2.67 -3.95
C PRO A 443 -1.46 -1.97 -4.56
N VAL A 444 -2.38 -1.52 -3.73
CA VAL A 444 -3.45 -0.66 -4.20
C VAL A 444 -2.88 0.64 -4.73
N ALA A 445 -2.01 1.29 -3.96
CA ALA A 445 -1.46 2.58 -4.40
C ALA A 445 -0.66 2.40 -5.69
N ILE A 446 0.09 1.31 -5.79
CA ILE A 446 0.92 1.08 -6.98
C ILE A 446 0.04 0.85 -8.20
N GLN A 447 -0.99 0.01 -8.04
CA GLN A 447 -1.86 -0.26 -9.18
C GLN A 447 -2.59 1.01 -9.59
N ALA A 448 -3.10 1.77 -8.62
CA ALA A 448 -3.78 3.03 -8.91
C ALA A 448 -2.87 3.98 -9.68
N GLY A 449 -1.63 4.14 -9.22
CA GLY A 449 -0.73 5.10 -9.85
C GLY A 449 -0.30 4.65 -11.24
N ARG A 450 0.01 3.37 -11.39
CA ARG A 450 0.40 2.89 -12.72
C ARG A 450 -0.77 2.98 -13.69
N TYR A 451 -1.96 2.55 -13.25
CA TYR A 451 -3.12 2.60 -14.13
C TYR A 451 -3.47 4.04 -14.45
N LEU A 452 -3.38 4.94 -13.47
CA LEU A 452 -3.66 6.35 -13.74
C LEU A 452 -2.69 6.91 -14.77
N ALA A 453 -1.40 6.63 -14.59
CA ALA A 453 -0.40 7.13 -15.53
C ALA A 453 -0.72 6.68 -16.95
N ARG A 454 -1.21 5.46 -17.10
CA ARG A 454 -1.49 4.95 -18.43
C ARG A 454 -2.70 5.65 -19.02
N ARG A 455 -3.71 5.93 -18.21
CA ARG A 455 -4.87 6.66 -18.71
C ARG A 455 -4.51 8.09 -19.07
N LEU A 456 -3.62 8.72 -18.29
CA LEU A 456 -3.25 10.10 -18.58
C LEU A 456 -2.44 10.19 -19.86
N PHE A 457 -1.47 9.29 -20.03
CA PHE A 457 -0.41 9.51 -21.00
C PHE A 457 -0.30 8.46 -22.08
N ALA A 458 -1.11 7.40 -22.04
CA ALA A 458 -1.06 6.37 -23.07
C ALA A 458 -2.44 5.96 -23.58
N GLY A 459 -3.49 6.73 -23.30
CA GLY A 459 -4.81 6.44 -23.80
C GLY A 459 -5.49 5.25 -23.21
N ALA A 460 -5.04 4.78 -22.06
CA ALA A 460 -5.66 3.60 -21.46
C ALA A 460 -7.02 3.96 -20.88
N THR A 461 -7.90 2.96 -20.74
CA THR A 461 -9.19 3.18 -20.11
C THR A 461 -9.35 2.43 -18.79
N GLU A 462 -8.55 1.41 -18.54
CA GLU A 462 -8.72 0.54 -17.38
C GLU A 462 -8.64 1.31 -16.06
N LEU A 463 -9.68 1.17 -15.27
CA LEU A 463 -9.72 1.74 -13.93
C LEU A 463 -9.15 0.73 -12.93
N THR A 464 -8.77 1.22 -11.74
CA THR A 464 -8.38 0.34 -10.66
C THR A 464 -9.64 -0.22 -10.01
N ASP A 465 -9.65 -1.53 -9.80
CA ASP A 465 -10.74 -2.20 -9.10
C ASP A 465 -10.39 -2.29 -7.62
N TYR A 466 -11.12 -1.56 -6.78
CA TYR A 466 -10.82 -1.54 -5.35
C TYR A 466 -11.69 -2.54 -4.56
N SER A 467 -12.45 -3.39 -5.23
CA SER A 467 -13.31 -4.35 -4.55
C SER A 467 -12.57 -5.66 -4.29
N ASN A 468 -12.93 -6.31 -3.18
CA ASN A 468 -12.33 -7.60 -2.78
C ASN A 468 -10.81 -7.59 -2.79
N VAL A 469 -10.21 -6.53 -2.27
CA VAL A 469 -8.76 -6.44 -2.16
C VAL A 469 -8.31 -7.26 -0.95
N ALA A 470 -7.47 -8.27 -1.19
CA ALA A 470 -7.02 -9.17 -0.14
C ALA A 470 -5.98 -8.46 0.74
N THR A 471 -5.89 -8.92 1.97
CA THR A 471 -5.02 -8.32 2.98
C THR A 471 -4.35 -9.43 3.75
N THR A 472 -3.26 -9.11 4.44
CA THR A 472 -2.75 -10.04 5.44
C THR A 472 -2.19 -9.25 6.59
N VAL A 473 -2.59 -9.66 7.78
CA VAL A 473 -2.08 -9.14 9.05
C VAL A 473 -0.97 -10.07 9.52
N PHE A 474 0.24 -9.54 9.62
CA PHE A 474 1.44 -10.30 9.93
C PHE A 474 1.71 -10.35 11.42
N THR A 475 0.66 -10.75 12.14
CA THR A 475 0.77 -11.10 13.56
C THR A 475 1.50 -12.43 13.69
N PRO A 476 1.90 -12.78 14.92
CA PRO A 476 2.70 -14.01 15.08
C PRO A 476 2.10 -15.24 14.38
N LEU A 477 0.79 -15.46 14.53
CA LEU A 477 0.01 -16.30 13.63
C LEU A 477 -0.73 -15.36 12.67
N GLU A 478 -0.41 -15.50 11.39
CA GLU A 478 -0.84 -14.56 10.36
C GLU A 478 -2.31 -14.74 10.01
N TYR A 479 -2.92 -13.66 9.57
CA TYR A 479 -4.34 -13.65 9.22
C TYR A 479 -4.52 -13.05 7.83
N GLY A 480 -4.94 -13.88 6.87
CA GLY A 480 -5.22 -13.41 5.52
C GLY A 480 -6.72 -13.37 5.28
N ALA A 481 -7.14 -12.37 4.51
CA ALA A 481 -8.55 -12.21 4.23
C ALA A 481 -8.74 -11.66 2.82
N CYS A 482 -9.87 -12.03 2.21
CA CYS A 482 -10.27 -11.45 0.95
C CYS A 482 -11.79 -11.39 0.92
N GLY A 483 -12.34 -10.21 0.82
CA GLY A 483 -13.78 -10.03 0.72
C GLY A 483 -14.39 -9.66 2.05
N LEU A 484 -15.68 -10.00 2.19
CA LEU A 484 -16.48 -9.55 3.32
C LEU A 484 -16.19 -10.34 4.59
N SER A 485 -16.19 -9.64 5.72
CA SER A 485 -16.27 -10.32 6.99
C SER A 485 -17.60 -11.06 7.05
N GLU A 486 -17.68 -12.03 7.95
CA GLU A 486 -18.94 -12.75 8.15
C GLU A 486 -20.05 -11.79 8.58
N GLU A 487 -19.74 -10.90 9.53
CA GLU A 487 -20.78 -10.02 10.04
C GLU A 487 -21.26 -9.03 8.97
N ASP A 488 -20.36 -8.51 8.14
CA ASP A 488 -20.78 -7.61 7.07
C ASP A 488 -21.62 -8.35 6.02
N ALA A 489 -21.29 -9.59 5.73
CA ALA A 489 -22.10 -10.35 4.78
C ALA A 489 -23.50 -10.57 5.31
N ILE A 490 -23.62 -10.88 6.61
CA ILE A 490 -24.93 -11.12 7.21
C ILE A 490 -25.73 -9.82 7.27
N GLU A 491 -25.05 -8.70 7.52
CA GLU A 491 -25.75 -7.41 7.52
C GLU A 491 -26.26 -7.08 6.14
N LYS A 492 -25.49 -7.41 5.09
CA LYS A 492 -25.88 -7.04 3.74
C LYS A 492 -27.01 -7.90 3.22
N TYR A 493 -26.88 -9.21 3.35
CA TYR A 493 -27.76 -10.14 2.67
C TYR A 493 -28.73 -10.86 3.59
N GLY A 494 -28.55 -10.77 4.88
CA GLY A 494 -29.39 -11.44 5.87
C GLY A 494 -28.86 -12.80 6.24
N ASP A 495 -29.08 -13.17 7.49
CA ASP A 495 -28.54 -14.42 8.01
C ASP A 495 -29.03 -15.65 7.24
N LYS A 496 -30.27 -15.62 6.74
CA LYS A 496 -30.80 -16.78 6.06
C LYS A 496 -30.13 -17.02 4.71
N ASP A 497 -29.54 -15.98 4.11
CA ASP A 497 -28.90 -16.12 2.81
C ASP A 497 -27.39 -16.35 2.91
N ILE A 498 -26.85 -16.55 4.10
CA ILE A 498 -25.41 -16.72 4.25
C ILE A 498 -25.13 -18.13 4.79
N GLU A 499 -24.24 -18.84 4.12
CA GLU A 499 -23.71 -20.10 4.62
C GLU A 499 -22.21 -19.94 4.85
N VAL A 500 -21.70 -20.47 5.96
CA VAL A 500 -20.29 -20.32 6.30
C VAL A 500 -19.73 -21.71 6.49
N TYR A 501 -18.77 -22.06 5.64
CA TYR A 501 -18.05 -23.32 5.74
C TYR A 501 -16.77 -23.05 6.50
N HIS A 502 -16.41 -23.94 7.42
CA HIS A 502 -15.19 -23.64 8.16
C HIS A 502 -14.54 -24.91 8.64
N SER A 503 -13.27 -24.79 9.03
CA SER A 503 -12.51 -25.88 9.58
C SER A 503 -11.33 -25.32 10.36
N ASN A 504 -11.00 -25.97 11.47
CA ASN A 504 -9.65 -25.88 11.99
C ASN A 504 -8.69 -26.68 11.11
N PHE A 505 -7.40 -26.46 11.31
CA PHE A 505 -6.39 -27.30 10.67
C PHE A 505 -5.09 -27.14 11.43
N LYS A 506 -4.15 -28.03 11.12
CA LYS A 506 -2.87 -28.07 11.79
C LYS A 506 -1.79 -28.16 10.71
N PRO A 507 -0.91 -27.18 10.59
CA PRO A 507 0.21 -27.34 9.66
C PRO A 507 1.00 -28.60 9.98
N LEU A 508 1.37 -29.33 8.93
CA LEU A 508 2.19 -30.52 9.16
C LEU A 508 3.45 -30.17 9.94
N GLU A 509 3.99 -28.99 9.65
CA GLU A 509 5.21 -28.51 10.31
C GLU A 509 5.06 -28.41 11.81
N TRP A 510 3.82 -28.24 12.30
CA TRP A 510 3.57 -28.09 13.72
C TRP A 510 3.47 -29.42 14.46
N THR A 511 3.39 -30.55 13.75
CA THR A 511 3.18 -31.83 14.40
C THR A 511 4.41 -32.25 15.20
N VAL A 512 5.53 -32.45 14.50
CA VAL A 512 6.78 -32.81 15.17
C VAL A 512 7.21 -31.72 16.14
N ALA A 513 6.86 -30.49 15.85
CA ALA A 513 7.23 -29.36 16.67
C ALA A 513 6.36 -29.23 17.92
N HIS A 514 5.32 -30.05 18.07
CA HIS A 514 4.49 -30.03 19.26
C HIS A 514 3.78 -28.69 19.46
N ARG A 515 3.31 -28.09 18.37
CA ARG A 515 2.48 -26.89 18.45
C ARG A 515 1.01 -27.28 18.40
N GLU A 516 0.15 -26.27 18.39
CA GLU A 516 -1.25 -26.51 18.75
C GLU A 516 -2.09 -27.19 17.66
N ASP A 517 -2.96 -28.09 18.09
CA ASP A 517 -4.11 -28.49 17.30
C ASP A 517 -5.18 -27.38 17.36
N ASN A 518 -6.03 -27.34 16.34
CA ASN A 518 -7.30 -26.61 16.38
C ASN A 518 -7.13 -25.15 16.80
N VAL A 519 -6.07 -24.55 16.33
CA VAL A 519 -5.87 -23.11 16.46
C VAL A 519 -5.91 -22.43 15.10
N CYS A 520 -5.10 -22.90 14.15
CA CYS A 520 -5.29 -22.43 12.77
C CYS A 520 -6.73 -22.70 12.33
N TYR A 521 -7.25 -21.84 11.47
CA TYR A 521 -8.68 -21.82 11.20
C TYR A 521 -8.91 -21.13 9.86
N MET A 522 -9.88 -21.63 9.10
CA MET A 522 -10.28 -20.99 7.87
C MET A 522 -11.79 -21.08 7.69
N LYS A 523 -12.31 -20.12 6.92
CA LYS A 523 -13.73 -20.14 6.64
C LYS A 523 -13.99 -19.47 5.31
N LEU A 524 -15.05 -19.93 4.67
CA LEU A 524 -15.60 -19.30 3.48
C LEU A 524 -17.01 -18.84 3.82
N VAL A 525 -17.26 -17.56 3.62
CA VAL A 525 -18.58 -16.95 3.82
C VAL A 525 -19.23 -16.87 2.45
N CYS A 526 -20.38 -17.55 2.27
CA CYS A 526 -20.95 -17.71 0.95
C CYS A 526 -22.40 -17.23 0.95
N ARG A 527 -22.88 -16.90 -0.26
CA ARG A 527 -24.26 -16.45 -0.46
C ARG A 527 -25.07 -17.57 -1.10
N LYS A 528 -26.01 -18.11 -0.33
CA LYS A 528 -26.82 -19.24 -0.78
C LYS A 528 -27.58 -18.90 -2.06
N SER A 529 -28.24 -17.73 -2.07
CA SER A 529 -29.09 -17.33 -3.19
C SER A 529 -28.33 -17.16 -4.50
N ASP A 530 -27.01 -17.05 -4.44
CA ASP A 530 -26.21 -16.74 -5.61
C ASP A 530 -25.25 -17.89 -5.90
N ASN A 531 -25.80 -19.11 -5.96
N ASN A 531 -25.80 -19.12 -5.93
CA ASN A 531 -25.03 -20.33 -6.26
CA ASN A 531 -25.03 -20.32 -6.26
C ASN A 531 -23.83 -20.46 -5.31
C ASN A 531 -23.88 -20.55 -5.28
N MET A 532 -24.04 -20.09 -4.05
CA MET A 532 -23.01 -20.25 -3.01
C MET A 532 -21.75 -19.49 -3.38
N ARG A 533 -21.94 -18.29 -3.92
CA ARG A 533 -20.83 -17.41 -4.23
C ARG A 533 -19.98 -17.15 -3.00
N VAL A 534 -18.65 -17.19 -3.16
CA VAL A 534 -17.76 -16.90 -2.04
C VAL A 534 -17.70 -15.38 -1.85
N LEU A 535 -18.25 -14.89 -0.74
CA LEU A 535 -18.25 -13.47 -0.47
C LEU A 535 -17.04 -13.02 0.36
N GLY A 536 -16.51 -13.95 1.15
CA GLY A 536 -15.35 -13.68 1.97
C GLY A 536 -14.60 -14.94 2.31
N LEU A 537 -13.28 -14.84 2.24
CA LEU A 537 -12.36 -15.91 2.59
C LEU A 537 -11.45 -15.42 3.73
N HIS A 538 -11.22 -16.27 4.73
CA HIS A 538 -10.47 -15.91 5.93
C HIS A 538 -9.62 -17.08 6.34
N VAL A 539 -8.33 -16.84 6.64
CA VAL A 539 -7.45 -17.91 7.09
C VAL A 539 -6.48 -17.40 8.14
N LEU A 540 -6.40 -18.12 9.24
CA LEU A 540 -5.47 -17.87 10.32
C LEU A 540 -4.48 -19.03 10.28
N GLY A 541 -3.22 -18.71 10.00
CA GLY A 541 -2.21 -19.74 9.86
C GLY A 541 -0.89 -19.22 9.32
N PRO A 542 0.12 -20.05 9.32
CA PRO A 542 1.41 -19.62 8.75
C PRO A 542 1.31 -19.33 7.26
N ASN A 543 2.13 -18.39 6.80
CA ASN A 543 2.22 -18.03 5.39
C ASN A 543 0.86 -17.62 4.83
N ALA A 544 0.10 -16.89 5.64
CA ALA A 544 -1.30 -16.65 5.29
C ALA A 544 -1.42 -15.75 4.06
N GLY A 545 -0.43 -14.89 3.83
CA GLY A 545 -0.46 -14.08 2.63
C GLY A 545 -0.23 -14.91 1.37
N GLU A 546 0.68 -15.89 1.45
CA GLU A 546 0.88 -16.76 0.30
C GLU A 546 -0.37 -17.59 0.06
N ILE A 547 -1.00 -18.07 1.12
CA ILE A 547 -2.24 -18.81 0.99
C ILE A 547 -3.29 -17.98 0.25
N THR A 548 -3.53 -16.78 0.74
CA THR A 548 -4.70 -16.02 0.33
C THR A 548 -4.58 -15.51 -1.09
N GLN A 549 -3.38 -15.15 -1.53
CA GLN A 549 -3.25 -14.35 -2.73
C GLN A 549 -3.95 -15.00 -3.92
N GLY A 550 -3.64 -16.25 -4.18
CA GLY A 550 -4.17 -16.91 -5.36
C GLY A 550 -5.69 -16.95 -5.38
N TYR A 551 -6.29 -17.19 -4.21
CA TYR A 551 -7.74 -17.18 -4.14
C TYR A 551 -8.37 -15.82 -4.46
N ALA A 552 -7.64 -14.74 -4.26
CA ALA A 552 -8.17 -13.42 -4.60
C ALA A 552 -8.48 -13.31 -6.08
N VAL A 553 -7.72 -14.00 -6.92
CA VAL A 553 -8.00 -14.03 -8.35
C VAL A 553 -9.31 -14.76 -8.61
N ALA A 554 -9.49 -15.92 -7.99
CA ALA A 554 -10.74 -16.67 -8.15
C ALA A 554 -11.93 -15.88 -7.63
N ILE A 555 -11.77 -15.22 -6.48
CA ILE A 555 -12.88 -14.44 -5.95
C ILE A 555 -13.22 -13.29 -6.88
N LYS A 556 -12.20 -12.64 -7.43
CA LYS A 556 -12.48 -11.56 -8.40
C LYS A 556 -13.25 -12.08 -9.61
N MET A 557 -13.01 -13.33 -9.98
CA MET A 557 -13.73 -13.97 -11.07
C MET A 557 -15.10 -14.49 -10.67
N GLY A 558 -15.51 -14.36 -9.41
CA GLY A 558 -16.83 -14.83 -9.03
C GLY A 558 -16.88 -16.27 -8.57
N ALA A 559 -15.81 -16.76 -7.95
CA ALA A 559 -15.79 -18.13 -7.49
C ALA A 559 -16.98 -18.48 -6.60
N THR A 560 -17.43 -19.71 -6.71
CA THR A 560 -18.46 -20.30 -5.86
C THR A 560 -17.82 -21.40 -5.02
N LYS A 561 -18.57 -21.88 -4.03
CA LYS A 561 -18.09 -23.03 -3.26
C LYS A 561 -17.80 -24.19 -4.19
N ALA A 562 -18.63 -24.39 -5.22
CA ALA A 562 -18.41 -25.53 -6.11
C ALA A 562 -17.07 -25.43 -6.82
N ASP A 563 -16.64 -24.20 -7.16
CA ASP A 563 -15.35 -23.99 -7.79
C ASP A 563 -14.21 -24.40 -6.84
N PHE A 564 -14.34 -24.11 -5.55
CA PHE A 564 -13.35 -24.57 -4.59
C PHE A 564 -13.34 -26.11 -4.50
N ASP A 565 -14.53 -26.71 -4.46
CA ASP A 565 -14.64 -28.14 -4.22
C ASP A 565 -14.06 -28.94 -5.39
N ARG A 566 -14.28 -28.46 -6.63
N ARG A 566 -14.29 -28.46 -6.62
CA ARG A 566 -13.84 -29.17 -7.81
CA ARG A 566 -13.83 -29.15 -7.83
C ARG A 566 -12.33 -29.08 -8.02
C ARG A 566 -12.32 -29.13 -7.93
N THR A 567 -11.68 -28.11 -7.39
CA THR A 567 -10.23 -27.99 -7.47
C THR A 567 -9.58 -29.00 -6.54
N ILE A 568 -8.49 -29.59 -6.98
CA ILE A 568 -7.78 -30.61 -6.20
C ILE A 568 -6.72 -29.93 -5.35
N GLY A 569 -6.63 -30.37 -4.10
CA GLY A 569 -5.61 -29.86 -3.20
C GLY A 569 -4.21 -30.25 -3.61
N ILE A 570 -3.26 -29.39 -3.21
CA ILE A 570 -1.84 -29.73 -3.19
C ILE A 570 -1.50 -30.22 -1.79
N HIS A 571 -0.88 -31.39 -1.70
CA HIS A 571 -0.59 -31.99 -0.39
C HIS A 571 0.89 -32.23 -0.21
N PRO A 572 1.46 -31.96 0.98
CA PRO A 572 0.82 -31.39 2.18
C PRO A 572 1.00 -29.88 2.22
N THR A 573 -0.11 -29.17 2.31
CA THR A 573 -0.10 -27.73 2.46
C THR A 573 -1.17 -27.34 3.46
N CYS A 574 -1.07 -26.11 3.97
CA CYS A 574 -2.21 -25.56 4.71
C CYS A 574 -3.35 -25.16 3.75
N SER A 575 -2.99 -24.57 2.62
CA SER A 575 -3.99 -24.02 1.71
C SER A 575 -4.98 -25.06 1.21
N GLU A 576 -4.56 -26.31 1.07
CA GLU A 576 -5.42 -27.29 0.45
C GLU A 576 -6.70 -27.51 1.23
N THR A 577 -6.72 -27.17 2.54
CA THR A 577 -7.95 -27.33 3.30
C THR A 577 -9.11 -26.54 2.74
N PHE A 578 -8.84 -25.46 1.99
CA PHE A 578 -9.90 -24.71 1.37
C PHE A 578 -10.63 -25.53 0.32
N THR A 579 -10.00 -26.59 -0.22
CA THR A 579 -10.61 -27.40 -1.27
C THR A 579 -11.48 -28.55 -0.75
N THR A 580 -11.54 -28.73 0.58
CA THR A 580 -12.31 -29.83 1.15
C THR A 580 -13.19 -29.41 2.34
N LEU A 581 -13.57 -28.14 2.41
CA LEU A 581 -14.42 -27.68 3.51
C LEU A 581 -15.83 -28.25 3.37
N HIS A 582 -16.36 -28.74 4.49
CA HIS A 582 -17.72 -29.27 4.43
C HIS A 582 -18.56 -28.90 5.64
N VAL A 583 -17.98 -28.57 6.78
CA VAL A 583 -18.78 -28.24 7.96
C VAL A 583 -19.31 -26.81 7.81
N THR A 584 -20.62 -26.65 7.97
CA THR A 584 -21.21 -25.32 8.01
C THR A 584 -21.44 -24.89 9.45
N LYS A 585 -21.47 -23.56 9.65
CA LYS A 585 -21.83 -23.03 10.96
C LYS A 585 -23.26 -23.36 11.33
N LYS A 586 -24.18 -23.31 10.36
CA LYS A 586 -25.57 -23.58 10.71
C LYS A 586 -25.79 -25.01 11.15
N SER A 587 -24.94 -25.95 10.72
CA SER A 587 -25.09 -27.32 11.16
C SER A 587 -24.79 -27.50 12.63
N GLY A 588 -24.09 -26.56 13.26
CA GLY A 588 -23.68 -26.70 14.63
C GLY A 588 -22.54 -27.66 14.87
N VAL A 589 -22.06 -28.35 13.84
CA VAL A 589 -21.01 -29.34 14.01
C VAL A 589 -19.68 -28.64 14.29
N SER A 590 -18.85 -29.28 15.11
CA SER A 590 -17.60 -28.65 15.52
C SER A 590 -16.64 -28.57 14.32
N PRO A 591 -15.90 -27.46 14.17
CA PRO A 591 -14.89 -27.38 13.10
C PRO A 591 -13.56 -28.01 13.48
N ILE A 592 -13.40 -28.51 14.72
CA ILE A 592 -12.10 -29.12 15.10
C ILE A 592 -11.85 -30.38 14.28
N VAL A 593 -10.57 -30.75 14.16
CA VAL A 593 -10.18 -31.91 13.37
C VAL A 593 -9.13 -32.76 14.09
#